data_8GCY
#
_entry.id   8GCY
#
_cell.length_a   47.937
_cell.length_b   76.093
_cell.length_c   105.464
_cell.angle_alpha   90.00
_cell.angle_beta   90.00
_cell.angle_gamma   90.00
#
_symmetry.space_group_name_H-M   'P 21 21 21'
#
loop_
_entity.id
_entity.type
_entity.pdbx_description
1 polymer 'E3 ubiquitin-protein ligase CBL-B'
2 non-polymer 'ZINC ION'
3 non-polymer 2-{3-[(1s,3R)-3-methyl-1-(4-methyl-4H-1,2,4-triazol-3-yl)cyclobutyl]phenyl}-6-{[(3S)-3-methylpiperidin-1-yl]methyl}-4-(trifluoromethyl)-2,3-dihydro-1H-isoindol-1-one
4 non-polymer 1,2-ETHANEDIOL
5 non-polymer 'SULFATE ION'
6 non-polymer 'UNKNOWN ATOM OR ION'
7 water water
#
_entity_poly.entity_id   1
_entity_poly.type   'polypeptide(L)'
_entity_poly.pdbx_seq_one_letter_code
;GQAAADRRTVEKTWALMDAVVRLCQNPKLQLKNSPPYILDILPDTYQHLRLILSKYDDNQKLAQLSENEYFKIYIDSLMK
KSKRAIRLFKEGKERMYEEQSQDRRNLTKLSLIFSHMLAEIKAIFPNGQFQGDNFRITKADAAEFWRKFFGDKTIVPWKV
FRQCLHEVHQISSGLEAMALKSTIDLTCNDYISVFEFDIFTRLFQPWGSILRNWNFLAVTHPGYMAFLTYDEVKARLQKY
STKPGSYIFRLSCTRLGQWAIGYVTGDGNILQTIPHNKPLFQALIDGSAEGFYLYPDGRSYNPDLTGLCEPTPHDHIKVT
QEQFELYCEMGSTFQLCKICAENDKDVKIEPCGHLMCTSCLTAWQESDGQGCPFCRCEIKGTEPIIVDPFD
;
_entity_poly.pdbx_strand_id   A
#
loop_
_chem_comp.id
_chem_comp.type
_chem_comp.name
_chem_comp.formula
EDO non-polymer 1,2-ETHANEDIOL 'C2 H6 O2'
SO4 non-polymer 'SULFATE ION' 'O4 S -2'
UNX non-polymer 'UNKNOWN ATOM OR ION' ?
Z3N non-polymer 2-{3-[(1s,3R)-3-methyl-1-(4-methyl-4H-1,2,4-triazol-3-yl)cyclobutyl]phenyl}-6-{[(3S)-3-methylpiperidin-1-yl]methyl}-4-(trifluoromethyl)-2,3-dihydro-1H-isoindol-1-one 'C30 H34 F3 N5 O'
ZN non-polymer 'ZINC ION' 'Zn 2'
#
# COMPACT_ATOMS: atom_id res chain seq x y z
N GLY A 1 -7.64 21.73 -26.26
CA GLY A 1 -8.45 20.56 -25.83
C GLY A 1 -7.59 19.36 -25.50
N GLN A 2 -8.23 18.31 -24.97
CA GLN A 2 -7.57 17.02 -24.58
C GLN A 2 -8.27 15.82 -25.25
N ALA A 3 -9.34 16.04 -26.02
CA ALA A 3 -10.22 14.97 -26.55
C ALA A 3 -9.37 13.82 -27.10
N ALA A 4 -8.49 14.10 -28.07
CA ALA A 4 -7.80 13.05 -28.88
C ALA A 4 -6.71 12.36 -28.05
N ALA A 5 -5.96 13.13 -27.24
CA ALA A 5 -4.93 12.61 -26.29
C ALA A 5 -5.60 11.67 -25.27
N ASP A 6 -6.80 12.04 -24.81
CA ASP A 6 -7.59 11.26 -23.82
C ASP A 6 -8.03 9.93 -24.43
N ARG A 7 -8.58 9.96 -25.66
CA ARG A 7 -8.93 8.73 -26.42
C ARG A 7 -7.70 7.81 -26.52
N ARG A 8 -6.53 8.38 -26.83
CA ARG A 8 -5.28 7.61 -27.05
C ARG A 8 -4.85 6.94 -25.73
N THR A 9 -4.90 7.67 -24.62
N THR A 9 -4.87 7.71 -24.64
CA THR A 9 -4.44 7.20 -23.29
CA THR A 9 -4.50 7.27 -23.27
C THR A 9 -5.29 6.02 -22.81
C THR A 9 -5.30 6.01 -22.87
N VAL A 10 -6.62 6.09 -22.96
CA VAL A 10 -7.56 4.99 -22.55
C VAL A 10 -7.19 3.73 -23.35
N GLU A 11 -7.03 3.85 -24.65
CA GLU A 11 -6.78 2.71 -25.56
C GLU A 11 -5.38 2.14 -25.30
N LYS A 12 -4.40 2.96 -24.97
CA LYS A 12 -3.07 2.45 -24.56
C LYS A 12 -3.21 1.72 -23.21
N THR A 13 -4.01 2.25 -22.29
CA THR A 13 -4.25 1.65 -20.95
C THR A 13 -4.79 0.22 -21.13
N TRP A 14 -5.79 0.05 -21.97
N TRP A 14 -5.92 0.12 -21.87
CA TRP A 14 -6.41 -1.28 -22.21
CA TRP A 14 -6.50 -1.12 -22.45
C TRP A 14 -5.43 -2.20 -22.95
C TRP A 14 -5.37 -2.08 -22.82
N ALA A 15 -4.55 -1.65 -23.79
CA ALA A 15 -3.53 -2.47 -24.48
C ALA A 15 -2.53 -2.99 -23.46
N LEU A 16 -2.08 -2.12 -22.54
CA LEU A 16 -1.09 -2.52 -21.52
C LEU A 16 -1.72 -3.51 -20.54
N MET A 17 -2.97 -3.30 -20.16
CA MET A 17 -3.65 -4.24 -19.22
C MET A 17 -3.80 -5.62 -19.89
N ASP A 18 -4.17 -5.65 -21.16
CA ASP A 18 -4.34 -6.91 -21.94
C ASP A 18 -2.98 -7.63 -22.02
N ALA A 19 -1.88 -6.90 -22.17
CA ALA A 19 -0.51 -7.45 -22.24
C ALA A 19 -0.16 -8.12 -20.90
N VAL A 20 -0.49 -7.48 -19.77
CA VAL A 20 -0.24 -8.07 -18.43
C VAL A 20 -1.07 -9.35 -18.28
N VAL A 21 -2.33 -9.29 -18.64
CA VAL A 21 -3.26 -10.45 -18.56
C VAL A 21 -2.62 -11.62 -19.34
N ARG A 22 -2.16 -11.38 -20.57
CA ARG A 22 -1.60 -12.46 -21.42
C ARG A 22 -0.35 -13.06 -20.80
N LEU A 23 0.53 -12.23 -20.21
CA LEU A 23 1.77 -12.74 -19.56
C LEU A 23 1.37 -13.58 -18.37
N CYS A 24 0.32 -13.17 -17.65
CA CYS A 24 -0.13 -13.89 -16.45
C CYS A 24 -0.91 -15.15 -16.82
N GLN A 25 -1.29 -15.34 -18.06
CA GLN A 25 -2.05 -16.57 -18.46
C GLN A 25 -1.09 -17.72 -18.71
N ASN A 26 0.23 -17.50 -18.60
CA ASN A 26 1.27 -18.54 -18.78
C ASN A 26 1.04 -19.66 -17.76
N PRO A 27 0.78 -20.92 -18.17
CA PRO A 27 0.56 -21.99 -17.21
C PRO A 27 1.79 -22.23 -16.31
N LYS A 28 2.98 -21.86 -16.76
CA LYS A 28 4.24 -22.07 -15.97
C LYS A 28 4.21 -21.22 -14.70
N LEU A 29 3.38 -20.17 -14.62
CA LEU A 29 3.29 -19.32 -13.39
C LEU A 29 2.54 -20.05 -12.25
N GLN A 30 1.46 -20.75 -12.58
CA GLN A 30 0.54 -21.41 -11.59
C GLN A 30 -0.04 -20.31 -10.67
N LEU A 31 -0.71 -19.32 -11.25
CA LEU A 31 -1.40 -18.22 -10.50
C LEU A 31 -2.87 -18.09 -10.94
N LYS A 32 -3.35 -18.98 -11.82
CA LYS A 32 -4.79 -19.08 -12.21
C LYS A 32 -5.63 -18.91 -10.94
N ASN A 33 -5.30 -19.66 -9.88
CA ASN A 33 -5.82 -19.51 -8.49
C ASN A 33 -4.64 -19.17 -7.55
N SER A 34 -4.44 -17.88 -7.29
CA SER A 34 -3.48 -17.33 -6.29
C SER A 34 -3.89 -15.88 -5.95
N PRO A 35 -4.86 -15.66 -5.00
CA PRO A 35 -5.61 -14.41 -4.89
C PRO A 35 -5.19 -13.38 -3.81
N PRO A 36 -4.97 -12.06 -4.10
CA PRO A 36 -5.66 -11.33 -5.17
C PRO A 36 -5.22 -11.87 -6.53
N TYR A 37 -6.21 -12.12 -7.35
CA TYR A 37 -6.14 -12.92 -8.59
C TYR A 37 -6.08 -11.93 -9.76
N ILE A 38 -4.89 -11.67 -10.23
CA ILE A 38 -4.64 -10.62 -11.24
C ILE A 38 -5.48 -10.93 -12.50
N LEU A 39 -5.70 -12.21 -12.81
CA LEU A 39 -6.54 -12.57 -13.99
C LEU A 39 -8.02 -12.25 -13.76
N ASP A 40 -8.50 -12.07 -12.53
CA ASP A 40 -9.85 -11.49 -12.26
C ASP A 40 -9.78 -9.96 -12.16
N ILE A 41 -8.79 -9.43 -11.45
CA ILE A 41 -8.77 -7.99 -11.08
C ILE A 41 -8.68 -7.13 -12.36
N LEU A 42 -7.78 -7.45 -13.30
CA LEU A 42 -7.59 -6.57 -14.49
C LEU A 42 -8.83 -6.57 -15.37
N PRO A 43 -9.43 -7.73 -15.71
CA PRO A 43 -10.71 -7.71 -16.42
C PRO A 43 -11.83 -6.97 -15.66
N ASP A 44 -11.91 -7.09 -14.33
CA ASP A 44 -12.90 -6.35 -13.51
C ASP A 44 -12.64 -4.83 -13.62
N THR A 45 -11.38 -4.42 -13.68
CA THR A 45 -10.98 -2.98 -13.79
C THR A 45 -11.40 -2.47 -15.16
N TYR A 46 -11.08 -3.22 -16.21
CA TYR A 46 -11.51 -2.91 -17.59
C TYR A 46 -13.03 -2.72 -17.59
N GLN A 47 -13.76 -3.67 -16.99
CA GLN A 47 -15.26 -3.69 -16.91
C GLN A 47 -15.78 -2.42 -16.23
N HIS A 48 -15.21 -2.02 -15.10
CA HIS A 48 -15.64 -0.78 -14.38
C HIS A 48 -15.31 0.46 -15.22
N LEU A 49 -14.17 0.49 -15.89
CA LEU A 49 -13.79 1.67 -16.71
C LEU A 49 -14.79 1.83 -17.86
N ARG A 50 -15.18 0.74 -18.50
CA ARG A 50 -16.20 0.74 -19.58
C ARG A 50 -17.54 1.23 -19.03
N LEU A 51 -17.90 0.84 -17.81
CA LEU A 51 -19.14 1.31 -17.15
C LEU A 51 -19.06 2.83 -16.98
N ILE A 52 -17.94 3.36 -16.49
CA ILE A 52 -17.75 4.84 -16.34
C ILE A 52 -17.99 5.49 -17.70
N LEU A 53 -17.31 5.03 -18.75
CA LEU A 53 -17.41 5.64 -20.10
C LEU A 53 -18.84 5.50 -20.65
N SER A 54 -19.50 4.38 -20.37
CA SER A 54 -20.93 4.12 -20.71
C SER A 54 -21.82 5.21 -20.13
N LYS A 55 -21.44 5.85 -19.03
CA LYS A 55 -22.23 6.89 -18.33
C LYS A 55 -21.83 8.29 -18.79
N TYR A 56 -20.60 8.46 -19.27
CA TYR A 56 -20.10 9.74 -19.79
C TYR A 56 -20.21 9.64 -21.32
N ASP A 57 -21.47 9.55 -21.77
CA ASP A 57 -21.92 9.09 -23.11
C ASP A 57 -21.20 9.84 -24.23
N ASP A 58 -21.29 11.16 -24.20
CA ASP A 58 -21.14 12.04 -25.40
C ASP A 58 -20.01 13.05 -25.13
N ASN A 59 -19.69 13.87 -26.14
CA ASN A 59 -18.55 14.84 -26.16
C ASN A 59 -18.51 15.68 -24.88
N GLN A 60 -19.66 16.17 -24.40
CA GLN A 60 -19.75 17.18 -23.30
C GLN A 60 -19.47 16.48 -21.96
N LYS A 61 -20.14 15.34 -21.71
CA LYS A 61 -19.93 14.49 -20.49
C LYS A 61 -18.48 14.01 -20.46
N LEU A 62 -17.99 13.46 -21.59
CA LEU A 62 -16.59 12.97 -21.75
C LEU A 62 -15.60 14.08 -21.40
N ALA A 63 -15.92 15.34 -21.74
CA ALA A 63 -15.10 16.53 -21.42
C ALA A 63 -15.08 16.76 -19.89
N GLN A 64 -16.18 16.49 -19.19
CA GLN A 64 -16.27 16.61 -17.70
C GLN A 64 -15.35 15.55 -17.05
N LEU A 65 -15.46 14.30 -17.51
CA LEU A 65 -14.56 13.18 -17.09
C LEU A 65 -13.09 13.54 -17.37
N SER A 66 -12.81 14.11 -18.54
CA SER A 66 -11.47 14.63 -18.93
C SER A 66 -10.92 15.58 -17.85
N GLU A 67 -11.79 16.43 -17.26
CA GLU A 67 -11.39 17.50 -16.29
C GLU A 67 -11.35 16.93 -14.86
N ASN A 68 -11.79 15.68 -14.67
CA ASN A 68 -11.77 15.00 -13.35
C ASN A 68 -10.32 14.66 -13.00
N GLU A 69 -9.74 15.33 -11.99
CA GLU A 69 -8.33 15.16 -11.57
C GLU A 69 -8.16 13.72 -11.06
N TYR A 70 -9.12 13.18 -10.30
CA TYR A 70 -8.98 11.80 -9.76
C TYR A 70 -8.88 10.84 -10.96
N PHE A 71 -9.74 10.97 -11.96
CA PHE A 71 -9.78 10.03 -13.10
C PHE A 71 -8.47 10.09 -13.89
N LYS A 72 -7.93 11.28 -14.12
CA LYS A 72 -6.65 11.47 -14.83
C LYS A 72 -5.53 10.74 -14.07
N ILE A 73 -5.44 10.95 -12.76
CA ILE A 73 -4.39 10.29 -11.92
C ILE A 73 -4.60 8.76 -11.99
N TYR A 74 -5.85 8.29 -11.93
CA TYR A 74 -6.18 6.84 -11.89
C TYR A 74 -5.67 6.15 -13.16
N ILE A 75 -6.03 6.66 -14.34
CA ILE A 75 -5.63 6.10 -15.65
C ILE A 75 -4.11 6.15 -15.82
N ASP A 76 -3.46 7.25 -15.44
CA ASP A 76 -1.97 7.40 -15.46
C ASP A 76 -1.37 6.32 -14.56
N SER A 77 -1.90 6.14 -13.35
CA SER A 77 -1.40 5.14 -12.37
C SER A 77 -1.57 3.72 -12.96
N LEU A 78 -2.70 3.44 -13.59
CA LEU A 78 -3.01 2.11 -14.18
C LEU A 78 -2.01 1.82 -15.33
N MET A 79 -1.69 2.83 -16.13
N MET A 79 -1.70 2.82 -16.14
CA MET A 79 -0.69 2.73 -17.22
CA MET A 79 -0.69 2.73 -17.23
C MET A 79 0.71 2.43 -16.66
C MET A 79 0.69 2.42 -16.65
N LYS A 80 1.15 3.19 -15.65
CA LYS A 80 2.50 3.02 -15.07
C LYS A 80 2.63 1.64 -14.44
N LYS A 81 1.63 1.17 -13.70
CA LYS A 81 1.74 -0.14 -12.97
C LYS A 81 1.65 -1.27 -14.01
N SER A 82 0.88 -1.09 -15.08
CA SER A 82 0.85 -2.12 -16.18
C SER A 82 2.22 -2.19 -16.84
N LYS A 83 2.81 -1.05 -17.20
CA LYS A 83 4.18 -1.02 -17.80
C LYS A 83 5.15 -1.72 -16.84
N ARG A 84 5.05 -1.45 -15.54
CA ARG A 84 5.95 -2.03 -14.53
C ARG A 84 5.83 -3.57 -14.53
N ALA A 85 4.61 -4.11 -14.61
CA ALA A 85 4.35 -5.57 -14.60
C ALA A 85 4.97 -6.20 -15.86
N ILE A 86 4.82 -5.54 -17.01
CA ILE A 86 5.42 -5.98 -18.31
C ILE A 86 6.94 -6.08 -18.13
N ARG A 87 7.55 -5.03 -17.59
CA ARG A 87 9.02 -4.94 -17.43
C ARG A 87 9.49 -6.06 -16.49
N LEU A 88 8.70 -6.35 -15.45
CA LEU A 88 9.00 -7.40 -14.45
C LEU A 88 9.16 -8.76 -15.17
N PHE A 89 8.25 -9.08 -16.11
CA PHE A 89 8.29 -10.34 -16.90
C PHE A 89 9.49 -10.32 -17.87
N LYS A 90 9.76 -9.18 -18.52
CA LYS A 90 10.91 -9.05 -19.46
C LYS A 90 12.23 -9.24 -18.67
N GLU A 91 12.40 -8.57 -17.52
CA GLU A 91 13.67 -8.56 -16.75
C GLU A 91 13.77 -9.81 -15.85
N GLY A 92 12.63 -10.39 -15.48
CA GLY A 92 12.57 -11.52 -14.53
C GLY A 92 12.88 -12.85 -15.18
N LYS A 93 12.48 -13.03 -16.44
CA LYS A 93 12.72 -14.26 -17.24
C LYS A 93 12.16 -15.46 -16.45
N GLU A 94 12.95 -16.54 -16.33
CA GLU A 94 12.51 -17.84 -15.75
C GLU A 94 12.30 -17.70 -14.22
N ARG A 95 12.86 -16.67 -13.59
CA ARG A 95 12.63 -16.37 -12.14
C ARG A 95 11.13 -16.10 -11.86
N MET A 96 10.37 -15.67 -12.86
CA MET A 96 8.89 -15.47 -12.74
C MET A 96 8.23 -16.81 -12.41
N TYR A 97 8.88 -17.92 -12.75
CA TYR A 97 8.33 -19.29 -12.64
C TYR A 97 8.74 -19.94 -11.32
N GLU A 98 9.65 -19.30 -10.55
CA GLU A 98 10.03 -19.71 -9.18
C GLU A 98 9.15 -18.94 -8.19
N GLU A 99 8.36 -19.65 -7.39
CA GLU A 99 7.28 -19.08 -6.54
C GLU A 99 7.89 -18.08 -5.54
N GLN A 100 9.06 -18.40 -5.00
CA GLN A 100 9.68 -17.69 -3.84
C GLN A 100 10.53 -16.50 -4.30
N SER A 101 10.77 -16.33 -5.61
CA SER A 101 11.73 -15.33 -6.16
C SER A 101 11.30 -13.90 -5.80
N GLN A 102 12.25 -12.97 -5.74
CA GLN A 102 11.95 -11.53 -5.55
C GLN A 102 11.05 -11.05 -6.71
N ASP A 103 11.27 -11.57 -7.92
CA ASP A 103 10.54 -11.13 -9.14
C ASP A 103 9.07 -11.51 -8.98
N ARG A 104 8.84 -12.70 -8.44
CA ARG A 104 7.48 -13.20 -8.22
C ARG A 104 6.86 -12.47 -7.00
N ARG A 105 7.63 -12.15 -5.95
CA ARG A 105 7.06 -11.34 -4.83
C ARG A 105 6.64 -9.97 -5.39
N ASN A 106 7.39 -9.44 -6.34
CA ASN A 106 7.07 -8.14 -6.96
C ASN A 106 5.78 -8.26 -7.79
N LEU A 107 5.53 -9.40 -8.41
CA LEU A 107 4.22 -9.60 -9.10
C LEU A 107 3.08 -9.60 -8.07
N THR A 108 3.30 -10.17 -6.89
CA THR A 108 2.32 -10.19 -5.79
C THR A 108 2.08 -8.75 -5.32
N LYS A 109 3.13 -7.94 -5.19
CA LYS A 109 2.98 -6.54 -4.77
C LYS A 109 2.15 -5.81 -5.81
N LEU A 110 2.38 -6.02 -7.11
CA LEU A 110 1.62 -5.32 -8.17
C LEU A 110 0.18 -5.83 -8.15
N SER A 111 -0.04 -7.13 -7.87
CA SER A 111 -1.40 -7.70 -7.80
C SER A 111 -2.19 -7.02 -6.68
N LEU A 112 -1.60 -6.86 -5.51
CA LEU A 112 -2.22 -6.16 -4.39
C LEU A 112 -2.56 -4.73 -4.83
N ILE A 113 -1.61 -4.01 -5.43
CA ILE A 113 -1.87 -2.63 -5.94
C ILE A 113 -3.08 -2.61 -6.87
N PHE A 114 -3.15 -3.52 -7.85
CA PHE A 114 -4.30 -3.57 -8.79
C PHE A 114 -5.58 -3.84 -8.02
N SER A 115 -5.57 -4.77 -7.06
CA SER A 115 -6.74 -5.06 -6.21
C SER A 115 -7.23 -3.77 -5.54
N HIS A 116 -6.33 -3.02 -4.92
CA HIS A 116 -6.67 -1.78 -4.16
C HIS A 116 -7.22 -0.75 -5.15
N MET A 117 -6.61 -0.65 -6.32
CA MET A 117 -7.07 0.35 -7.35
C MET A 117 -8.51 0.02 -7.77
N LEU A 118 -8.85 -1.27 -7.90
CA LEU A 118 -10.22 -1.69 -8.32
C LEU A 118 -11.20 -1.30 -7.20
N ALA A 119 -10.87 -1.60 -5.95
CA ALA A 119 -11.72 -1.20 -4.81
C ALA A 119 -11.91 0.32 -4.82
N GLU A 120 -10.85 1.06 -5.11
CA GLU A 120 -10.89 2.55 -5.01
C GLU A 120 -11.82 3.09 -6.12
N ILE A 121 -11.70 2.59 -7.35
CA ILE A 121 -12.50 3.12 -8.48
C ILE A 121 -13.98 2.78 -8.26
N LYS A 122 -14.28 1.62 -7.70
CA LYS A 122 -15.67 1.25 -7.34
C LYS A 122 -16.20 2.15 -6.23
N ALA A 123 -15.37 2.61 -5.30
CA ALA A 123 -15.81 3.49 -4.19
C ALA A 123 -16.05 4.91 -4.70
N ILE A 124 -15.26 5.37 -5.67
CA ILE A 124 -15.26 6.79 -6.14
C ILE A 124 -16.21 6.94 -7.32
N PHE A 125 -16.36 5.90 -8.14
CA PHE A 125 -17.30 5.85 -9.28
C PHE A 125 -18.29 4.70 -9.09
N PRO A 126 -19.12 4.73 -8.02
CA PRO A 126 -20.13 3.69 -7.84
C PRO A 126 -21.12 3.75 -9.02
N ASN A 127 -21.48 2.57 -9.54
N ASN A 127 -21.42 2.59 -9.59
CA ASN A 127 -22.31 2.38 -10.76
CA ASN A 127 -22.34 2.43 -10.74
C ASN A 127 -21.83 3.31 -11.90
C ASN A 127 -21.83 3.29 -11.92
N GLY A 128 -20.53 3.65 -11.92
CA GLY A 128 -19.88 4.33 -13.04
C GLY A 128 -20.07 5.84 -13.03
N GLN A 129 -20.69 6.40 -12.00
CA GLN A 129 -20.91 7.85 -11.84
C GLN A 129 -19.98 8.38 -10.74
N PHE A 130 -19.25 9.47 -11.01
CA PHE A 130 -18.37 10.16 -10.02
C PHE A 130 -19.19 10.56 -8.78
N GLN A 131 -18.72 10.16 -7.60
CA GLN A 131 -19.29 10.52 -6.26
C GLN A 131 -18.16 10.89 -5.31
N GLY A 132 -16.96 11.12 -5.84
CA GLY A 132 -15.79 11.50 -5.03
C GLY A 132 -16.08 12.67 -4.11
N ASP A 133 -16.77 13.69 -4.66
CA ASP A 133 -17.06 14.98 -3.96
C ASP A 133 -18.10 14.77 -2.86
N ASN A 134 -18.83 13.65 -2.89
CA ASN A 134 -19.88 13.32 -1.90
C ASN A 134 -19.43 12.18 -0.99
N PHE A 135 -18.15 11.84 -1.01
CA PHE A 135 -17.65 10.62 -0.31
C PHE A 135 -17.73 10.88 1.19
N ARG A 136 -18.38 9.96 1.91
CA ARG A 136 -18.60 10.06 3.38
C ARG A 136 -17.51 9.27 4.11
N ILE A 137 -16.56 9.97 4.71
CA ILE A 137 -15.49 9.34 5.52
C ILE A 137 -16.12 8.75 6.78
N THR A 138 -15.71 7.54 7.13
CA THR A 138 -16.42 6.72 8.14
C THR A 138 -16.29 7.37 9.52
N LYS A 139 -15.07 7.68 9.94
CA LYS A 139 -14.79 8.19 11.31
C LYS A 139 -15.00 9.72 11.30
N ALA A 140 -15.88 10.23 12.16
CA ALA A 140 -16.30 11.66 12.20
C ALA A 140 -15.09 12.60 12.31
N ASP A 141 -14.14 12.33 13.22
CA ASP A 141 -13.00 13.25 13.49
C ASP A 141 -12.02 13.23 12.32
N ALA A 142 -11.71 12.04 11.75
CA ALA A 142 -10.96 11.91 10.47
C ALA A 142 -11.65 12.75 9.39
N ALA A 143 -12.97 12.66 9.27
CA ALA A 143 -13.75 13.34 8.22
C ALA A 143 -13.60 14.87 8.38
N GLU A 144 -13.54 15.32 9.61
CA GLU A 144 -13.38 16.77 9.93
C GLU A 144 -11.98 17.23 9.50
N PHE A 145 -10.94 16.43 9.73
CA PHE A 145 -9.56 16.76 9.31
C PHE A 145 -9.53 16.94 7.78
N TRP A 146 -10.20 16.05 7.03
CA TRP A 146 -10.17 16.07 5.55
C TRP A 146 -10.95 17.28 5.02
N ARG A 147 -12.13 17.55 5.57
CA ARG A 147 -12.88 18.78 5.22
C ARG A 147 -11.98 19.97 5.50
N LYS A 148 -11.36 20.04 6.68
CA LYS A 148 -10.65 21.26 7.16
C LYS A 148 -9.53 21.61 6.18
N PHE A 149 -8.75 20.62 5.74
CA PHE A 149 -7.56 20.87 4.88
C PHE A 149 -7.88 20.73 3.38
N PHE A 150 -8.86 19.92 2.98
CA PHE A 150 -8.99 19.50 1.57
C PHE A 150 -10.41 19.71 1.05
N GLY A 151 -11.32 20.19 1.89
CA GLY A 151 -12.72 20.39 1.47
C GLY A 151 -13.31 19.10 0.92
N ASP A 152 -13.85 19.14 -0.29
CA ASP A 152 -14.53 17.99 -0.92
C ASP A 152 -13.63 17.41 -2.03
N LYS A 153 -12.32 17.67 -1.94
CA LYS A 153 -11.30 17.06 -2.85
C LYS A 153 -11.34 15.53 -2.71
N THR A 154 -11.22 14.82 -3.83
CA THR A 154 -11.18 13.33 -3.88
C THR A 154 -9.73 12.85 -3.64
N ILE A 155 -8.73 13.62 -4.01
CA ILE A 155 -7.33 13.14 -4.06
C ILE A 155 -6.39 14.30 -3.86
N VAL A 156 -5.31 14.08 -3.13
CA VAL A 156 -4.28 15.11 -2.81
C VAL A 156 -2.91 14.47 -2.94
N PRO A 157 -1.91 15.20 -3.46
CA PRO A 157 -0.55 14.68 -3.58
C PRO A 157 -0.09 14.28 -2.18
N TRP A 158 0.74 13.24 -2.08
CA TRP A 158 1.32 12.78 -0.79
C TRP A 158 2.01 13.95 -0.07
N LYS A 159 2.77 14.78 -0.79
CA LYS A 159 3.60 15.81 -0.13
C LYS A 159 2.67 16.77 0.62
N VAL A 160 1.57 17.17 -0.02
CA VAL A 160 0.58 18.10 0.57
C VAL A 160 -0.08 17.38 1.75
N PHE A 161 -0.47 16.11 1.59
CA PHE A 161 -1.16 15.34 2.65
C PHE A 161 -0.25 15.24 3.89
N ARG A 162 1.03 14.90 3.73
CA ARG A 162 2.04 14.71 4.82
C ARG A 162 2.18 16.04 5.59
N GLN A 163 2.22 17.15 4.86
CA GLN A 163 2.40 18.50 5.47
C GLN A 163 1.17 18.84 6.34
N CYS A 164 -0.05 18.69 5.80
CA CYS A 164 -1.34 18.92 6.51
C CYS A 164 -1.50 17.94 7.68
N LEU A 165 -1.17 16.65 7.50
CA LEU A 165 -1.27 15.67 8.61
C LEU A 165 -0.32 16.07 9.75
N HIS A 166 0.93 16.41 9.40
CA HIS A 166 1.96 16.92 10.34
C HIS A 166 1.41 18.09 11.18
N GLU A 167 0.51 18.94 10.65
CA GLU A 167 -0.12 20.06 11.41
C GLU A 167 -0.84 19.51 12.66
N VAL A 168 -1.43 18.31 12.57
CA VAL A 168 -2.31 17.74 13.64
C VAL A 168 -1.57 16.62 14.38
N HIS A 169 -0.94 15.71 13.66
CA HIS A 169 -0.21 14.55 14.24
C HIS A 169 1.22 14.60 13.73
N GLN A 170 2.15 15.11 14.54
CA GLN A 170 3.59 15.22 14.15
C GLN A 170 4.10 13.86 13.72
N ILE A 171 4.72 13.82 12.53
CA ILE A 171 5.55 12.71 12.00
C ILE A 171 7.01 13.02 12.33
N SER A 172 7.73 12.04 12.87
CA SER A 172 9.06 12.20 13.50
C SER A 172 10.17 12.17 12.44
N SER A 173 10.57 10.97 11.98
CA SER A 173 11.77 10.74 11.13
C SER A 173 11.35 10.55 9.66
N GLY A 174 12.34 10.42 8.77
CA GLY A 174 12.09 10.05 7.37
C GLY A 174 11.59 8.62 7.28
N LEU A 175 12.13 7.73 8.11
CA LEU A 175 11.71 6.33 8.04
C LEU A 175 10.25 6.22 8.52
N GLU A 176 9.75 7.11 9.39
CA GLU A 176 8.32 7.04 9.84
C GLU A 176 7.43 7.54 8.70
N ALA A 177 7.78 8.66 8.07
CA ALA A 177 7.01 9.21 6.94
C ALA A 177 6.92 8.17 5.82
N MET A 178 8.00 7.42 5.61
CA MET A 178 8.08 6.43 4.52
C MET A 178 7.19 5.24 4.86
N ALA A 179 7.29 4.76 6.09
CA ALA A 179 6.43 3.68 6.63
C ALA A 179 4.96 4.09 6.54
N LEU A 180 4.62 5.33 6.87
CA LEU A 180 3.25 5.86 6.86
C LEU A 180 2.76 5.90 5.41
N LYS A 181 3.60 6.38 4.51
CA LYS A 181 3.25 6.50 3.08
C LYS A 181 2.86 5.12 2.57
N SER A 182 3.66 4.14 2.85
CA SER A 182 3.49 2.74 2.39
C SER A 182 2.17 2.17 2.94
N THR A 183 1.71 2.66 4.10
CA THR A 183 0.46 2.20 4.77
C THR A 183 -0.75 2.90 4.16
N ILE A 184 -0.70 4.22 3.95
CA ILE A 184 -1.91 4.97 3.48
C ILE A 184 -2.00 4.87 1.95
N ASP A 185 -0.89 5.04 1.25
CA ASP A 185 -0.84 5.06 -0.24
C ASP A 185 -0.84 3.59 -0.73
N LEU A 186 -1.96 2.92 -0.56
CA LEU A 186 -2.18 1.51 -0.97
C LEU A 186 -1.97 1.36 -2.47
N THR A 187 -2.33 2.35 -3.26
CA THR A 187 -2.24 2.25 -4.74
C THR A 187 -0.81 2.56 -5.19
N CYS A 188 0.07 3.01 -4.28
CA CYS A 188 1.49 3.30 -4.59
C CYS A 188 1.59 4.29 -5.78
N ASN A 189 0.78 5.33 -5.79
CA ASN A 189 0.76 6.33 -6.91
C ASN A 189 1.26 7.72 -6.44
N ASP A 190 1.69 7.85 -5.18
CA ASP A 190 2.18 9.12 -4.56
C ASP A 190 1.06 10.13 -4.36
N TYR A 191 -0.18 9.66 -4.30
CA TYR A 191 -1.37 10.48 -3.97
C TYR A 191 -2.12 9.78 -2.83
N ILE A 192 -2.90 10.53 -2.07
CA ILE A 192 -3.83 9.96 -1.07
C ILE A 192 -5.23 10.30 -1.55
N SER A 193 -6.00 9.28 -1.93
CA SER A 193 -7.41 9.46 -2.25
C SER A 193 -8.20 9.53 -0.95
N VAL A 194 -9.39 10.08 -1.06
CA VAL A 194 -10.32 10.16 0.11
C VAL A 194 -10.65 8.72 0.56
N PHE A 195 -10.70 7.77 -0.39
CA PHE A 195 -10.92 6.33 -0.14
C PHE A 195 -9.76 5.74 0.68
N GLU A 196 -8.53 5.96 0.24
CA GLU A 196 -7.34 5.50 0.99
C GLU A 196 -7.37 6.06 2.42
N PHE A 197 -7.71 7.35 2.54
CA PHE A 197 -7.78 8.05 3.83
C PHE A 197 -8.83 7.37 4.70
N ASP A 198 -9.97 7.00 4.12
CA ASP A 198 -11.08 6.29 4.84
C ASP A 198 -10.56 4.93 5.37
N ILE A 199 -9.90 4.16 4.53
CA ILE A 199 -9.38 2.81 4.92
C ILE A 199 -8.40 2.95 6.08
N PHE A 200 -7.43 3.84 5.95
CA PHE A 200 -6.37 3.99 6.98
C PHE A 200 -6.98 4.39 8.34
N THR A 201 -7.89 5.37 8.34
CA THR A 201 -8.51 5.94 9.57
C THR A 201 -9.52 4.96 10.19
N ARG A 202 -10.14 4.09 9.40
CA ARG A 202 -10.97 2.98 9.93
C ARG A 202 -10.05 1.97 10.65
N LEU A 203 -8.95 1.56 10.02
CA LEU A 203 -8.06 0.52 10.61
C LEU A 203 -7.41 1.03 11.91
N PHE A 204 -6.94 2.28 11.95
CA PHE A 204 -6.05 2.78 13.02
C PHE A 204 -6.77 3.82 13.90
N GLN A 205 -8.08 3.78 13.88
CA GLN A 205 -8.93 4.53 14.84
C GLN A 205 -8.51 4.15 16.26
N PRO A 206 -8.69 5.03 17.27
CA PRO A 206 -9.21 6.39 17.07
C PRO A 206 -8.23 7.46 16.54
N TRP A 207 -8.80 8.42 15.83
CA TRP A 207 -8.09 9.52 15.16
C TRP A 207 -7.16 10.23 16.15
N GLY A 208 -7.61 10.45 17.40
CA GLY A 208 -6.87 11.25 18.40
C GLY A 208 -5.44 10.77 18.62
N SER A 209 -5.18 9.45 18.48
CA SER A 209 -3.87 8.81 18.72
C SER A 209 -3.43 8.00 17.48
N ILE A 210 -3.83 8.40 16.28
CA ILE A 210 -3.79 7.49 15.10
C ILE A 210 -2.36 7.02 14.84
N LEU A 211 -1.32 7.87 14.90
CA LEU A 211 0.06 7.41 14.56
C LEU A 211 0.58 6.47 15.67
N ARG A 212 0.23 6.71 16.95
CA ARG A 212 0.58 5.77 18.05
C ARG A 212 -0.12 4.42 17.84
N ASN A 213 -1.39 4.44 17.44
CA ASN A 213 -2.17 3.18 17.25
C ASN A 213 -1.50 2.38 16.11
N TRP A 214 -1.19 3.04 15.00
CA TRP A 214 -0.53 2.42 13.83
C TRP A 214 0.87 1.93 14.23
N ASN A 215 1.69 2.77 14.91
CA ASN A 215 3.04 2.35 15.40
C ASN A 215 2.89 1.04 16.19
N PHE A 216 1.94 1.00 17.12
CA PHE A 216 1.77 -0.14 18.06
C PHE A 216 1.13 -1.36 17.36
N LEU A 217 0.06 -1.18 16.57
CA LEU A 217 -0.70 -2.34 16.03
C LEU A 217 -0.01 -2.95 14.80
N ALA A 218 0.67 -2.14 13.97
CA ALA A 218 1.20 -2.61 12.66
C ALA A 218 2.73 -2.58 12.64
N VAL A 219 3.35 -1.47 13.05
CA VAL A 219 4.81 -1.28 12.82
C VAL A 219 5.58 -2.23 13.75
N THR A 220 5.15 -2.43 15.00
CA THR A 220 5.99 -3.15 15.99
C THR A 220 5.30 -4.38 16.58
N HIS A 221 4.02 -4.63 16.29
CA HIS A 221 3.28 -5.73 16.97
C HIS A 221 3.65 -7.08 16.33
N PRO A 222 4.15 -8.06 17.12
CA PRO A 222 4.48 -9.37 16.57
C PRO A 222 3.28 -10.15 16.02
N GLY A 223 2.05 -9.83 16.43
CA GLY A 223 0.83 -10.51 15.94
C GLY A 223 0.38 -10.05 14.56
N TYR A 224 0.91 -8.92 14.07
CA TYR A 224 0.45 -8.26 12.83
C TYR A 224 1.09 -8.93 11.60
N MET A 225 0.27 -9.37 10.66
CA MET A 225 0.73 -10.19 9.52
C MET A 225 0.40 -9.49 8.20
N ALA A 226 0.08 -8.21 8.22
CA ALA A 226 -0.27 -7.45 6.98
C ALA A 226 -1.41 -8.16 6.23
N PHE A 227 -1.39 -8.20 4.91
CA PHE A 227 -2.44 -8.86 4.13
C PHE A 227 -2.15 -10.36 4.12
N LEU A 228 -3.16 -11.13 4.44
CA LEU A 228 -3.15 -12.62 4.31
C LEU A 228 -4.51 -13.07 3.77
N THR A 229 -4.51 -14.23 3.15
CA THR A 229 -5.74 -14.99 2.86
C THR A 229 -6.12 -15.84 4.08
N TYR A 230 -7.36 -16.29 4.13
CA TYR A 230 -7.86 -17.27 5.12
C TYR A 230 -6.94 -18.50 5.11
N ASP A 231 -6.54 -19.00 3.94
CA ASP A 231 -5.68 -20.22 3.81
C ASP A 231 -4.29 -19.97 4.39
N GLU A 232 -3.73 -18.78 4.16
CA GLU A 232 -2.43 -18.39 4.78
C GLU A 232 -2.54 -18.34 6.32
N VAL A 233 -3.65 -17.85 6.85
CA VAL A 233 -3.87 -17.78 8.33
C VAL A 233 -3.84 -19.21 8.92
N LYS A 234 -4.55 -20.15 8.30
CA LYS A 234 -4.54 -21.57 8.72
C LYS A 234 -3.12 -22.11 8.67
N ALA A 235 -2.40 -21.85 7.58
CA ALA A 235 -1.03 -22.37 7.34
C ALA A 235 -0.09 -21.87 8.44
N ARG A 236 -0.19 -20.58 8.82
CA ARG A 236 0.72 -19.99 9.82
C ARG A 236 0.37 -20.53 11.21
N LEU A 237 -0.92 -20.59 11.56
CA LEU A 237 -1.35 -20.94 12.94
C LEU A 237 -1.24 -22.46 13.14
N GLN A 238 -1.26 -23.25 12.07
CA GLN A 238 -1.12 -24.74 12.20
C GLN A 238 0.15 -25.07 12.97
N LYS A 239 1.22 -24.29 12.79
CA LYS A 239 2.54 -24.47 13.47
C LYS A 239 2.39 -24.32 14.99
N TYR A 240 1.30 -23.71 15.48
CA TYR A 240 1.09 -23.45 16.93
C TYR A 240 -0.19 -24.16 17.41
N SER A 241 -0.69 -25.13 16.62
CA SER A 241 -1.95 -25.90 16.87
C SER A 241 -1.98 -26.47 18.29
N THR A 242 -0.83 -26.63 18.94
CA THR A 242 -0.70 -27.26 20.28
C THR A 242 -0.53 -26.19 21.36
N LYS A 243 -0.60 -24.91 20.99
CA LYS A 243 -0.50 -23.76 21.95
C LYS A 243 -1.75 -22.88 21.81
N PRO A 244 -2.91 -23.32 22.36
CA PRO A 244 -4.09 -22.48 22.47
C PRO A 244 -3.78 -21.05 22.96
N GLY A 245 -4.50 -20.08 22.40
CA GLY A 245 -4.26 -18.65 22.66
C GLY A 245 -3.28 -18.04 21.70
N SER A 246 -2.66 -18.85 20.84
CA SER A 246 -1.82 -18.39 19.71
C SER A 246 -2.74 -17.67 18.74
N TYR A 247 -2.33 -16.50 18.27
CA TYR A 247 -3.19 -15.66 17.43
C TYR A 247 -2.35 -14.77 16.55
N ILE A 248 -2.94 -14.36 15.44
N ILE A 248 -2.95 -14.36 15.45
CA ILE A 248 -2.42 -13.29 14.56
CA ILE A 248 -2.43 -13.26 14.59
C ILE A 248 -3.60 -12.45 14.12
C ILE A 248 -3.61 -12.44 14.12
N PHE A 249 -3.32 -11.26 13.61
CA PHE A 249 -4.34 -10.39 13.01
C PHE A 249 -3.78 -9.86 11.72
N ARG A 250 -4.70 -9.58 10.81
CA ARG A 250 -4.32 -9.40 9.40
C ARG A 250 -5.36 -8.61 8.67
N LEU A 251 -4.93 -8.15 7.51
CA LEU A 251 -5.76 -7.38 6.57
C LEU A 251 -6.27 -8.31 5.48
N SER A 252 -7.32 -7.90 4.83
CA SER A 252 -8.00 -8.65 3.75
C SER A 252 -8.12 -7.77 2.51
N CYS A 253 -7.63 -8.24 1.37
N CYS A 253 -7.65 -8.23 1.36
CA CYS A 253 -7.81 -7.58 0.04
CA CYS A 253 -7.75 -7.43 0.12
C CYS A 253 -9.27 -7.36 -0.27
C CYS A 253 -9.19 -7.50 -0.46
N THR A 254 -10.09 -8.33 0.11
CA THR A 254 -11.51 -8.39 -0.28
C THR A 254 -12.34 -7.53 0.66
N ARG A 255 -11.81 -7.12 1.83
CA ARG A 255 -12.54 -6.33 2.83
C ARG A 255 -11.63 -5.22 3.34
N LEU A 256 -11.30 -4.27 2.47
CA LEU A 256 -10.40 -3.14 2.86
C LEU A 256 -11.04 -2.36 4.02
N GLY A 257 -10.22 -1.96 4.97
CA GLY A 257 -10.64 -1.19 6.13
C GLY A 257 -11.10 -2.07 7.29
N GLN A 258 -11.08 -3.39 7.14
CA GLN A 258 -11.49 -4.31 8.22
C GLN A 258 -10.32 -5.17 8.66
N TRP A 259 -10.29 -5.49 9.95
CA TRP A 259 -9.31 -6.45 10.51
C TRP A 259 -9.91 -7.85 10.54
N ALA A 260 -9.06 -8.87 10.58
CA ALA A 260 -9.47 -10.26 10.87
C ALA A 260 -8.45 -10.86 11.82
N ILE A 261 -8.93 -11.63 12.79
CA ILE A 261 -8.07 -12.28 13.80
C ILE A 261 -8.23 -13.77 13.61
N GLY A 262 -7.12 -14.49 13.61
CA GLY A 262 -7.11 -15.95 13.66
C GLY A 262 -6.50 -16.35 14.97
N TYR A 263 -6.99 -17.42 15.58
CA TYR A 263 -6.51 -17.89 16.89
C TYR A 263 -6.70 -19.42 17.00
N VAL A 264 -5.92 -20.03 17.88
CA VAL A 264 -5.92 -21.48 18.18
C VAL A 264 -6.79 -21.71 19.41
N THR A 265 -7.83 -22.54 19.32
CA THR A 265 -8.75 -22.88 20.45
C THR A 265 -8.09 -23.92 21.37
N GLY A 266 -8.72 -24.18 22.53
CA GLY A 266 -8.42 -25.33 23.41
C GLY A 266 -8.40 -26.66 22.67
N ASP A 267 -9.25 -26.87 21.65
CA ASP A 267 -9.35 -28.14 20.86
C ASP A 267 -8.32 -28.17 19.72
N GLY A 268 -7.50 -27.12 19.56
CA GLY A 268 -6.49 -27.00 18.49
C GLY A 268 -7.10 -26.67 17.13
N ASN A 269 -8.38 -26.31 17.08
CA ASN A 269 -9.02 -25.75 15.86
C ASN A 269 -8.44 -24.35 15.65
N ILE A 270 -8.43 -23.91 14.40
CA ILE A 270 -8.08 -22.52 14.04
C ILE A 270 -9.38 -21.82 13.65
N LEU A 271 -9.76 -20.79 14.40
CA LEU A 271 -10.97 -19.99 14.12
C LEU A 271 -10.55 -18.60 13.65
N GLN A 272 -11.42 -17.92 12.95
CA GLN A 272 -11.16 -16.53 12.53
C GLN A 272 -12.36 -15.68 12.93
N THR A 273 -12.15 -14.43 13.28
CA THR A 273 -13.23 -13.52 13.67
C THR A 273 -12.89 -12.12 13.18
N ILE A 274 -13.89 -11.29 13.04
CA ILE A 274 -13.73 -9.86 12.69
C ILE A 274 -14.18 -9.11 13.93
N PRO A 275 -13.37 -8.20 14.52
CA PRO A 275 -13.80 -7.48 15.71
C PRO A 275 -15.23 -6.95 15.56
N HIS A 276 -16.06 -7.14 16.59
N HIS A 276 -16.08 -7.17 16.57
CA HIS A 276 -17.53 -6.88 16.57
CA HIS A 276 -17.54 -6.87 16.57
C HIS A 276 -17.81 -5.58 17.32
C HIS A 276 -17.79 -5.56 17.31
N ASN A 277 -18.03 -4.49 16.57
CA ASN A 277 -18.43 -3.17 17.13
C ASN A 277 -17.35 -2.67 18.10
N LYS A 278 -16.07 -2.96 17.84
CA LYS A 278 -14.96 -2.38 18.62
C LYS A 278 -13.71 -2.26 17.77
N PRO A 279 -12.83 -1.30 18.10
CA PRO A 279 -11.57 -1.17 17.42
C PRO A 279 -10.69 -2.38 17.78
N LEU A 280 -9.72 -2.64 16.92
CA LEU A 280 -8.85 -3.83 17.06
C LEU A 280 -8.22 -3.87 18.47
N PHE A 281 -7.71 -2.76 18.97
CA PHE A 281 -6.93 -2.73 20.24
C PHE A 281 -7.84 -3.26 21.37
N GLN A 282 -9.10 -2.85 21.38
CA GLN A 282 -10.11 -3.26 22.40
C GLN A 282 -10.41 -4.75 22.25
N ALA A 283 -10.60 -5.21 21.02
CA ALA A 283 -10.82 -6.64 20.71
C ALA A 283 -9.65 -7.45 21.26
N LEU A 284 -8.42 -6.95 21.07
CA LEU A 284 -7.19 -7.69 21.45
C LEU A 284 -7.09 -7.73 22.99
N ILE A 285 -7.25 -6.61 23.69
CA ILE A 285 -7.11 -6.61 25.18
C ILE A 285 -8.26 -7.44 25.79
N ASP A 286 -9.49 -7.30 25.27
CA ASP A 286 -10.67 -8.10 25.69
C ASP A 286 -10.39 -9.60 25.48
N GLY A 287 -9.89 -9.98 24.30
CA GLY A 287 -9.65 -11.41 23.99
C GLY A 287 -8.49 -11.94 24.79
N SER A 288 -7.49 -11.09 25.03
CA SER A 288 -6.35 -11.34 25.95
C SER A 288 -6.92 -11.71 27.33
N ALA A 289 -7.71 -10.81 27.92
CA ALA A 289 -8.28 -10.95 29.28
C ALA A 289 -9.11 -12.22 29.39
N GLU A 290 -9.67 -12.73 28.28
CA GLU A 290 -10.58 -13.91 28.25
C GLU A 290 -9.81 -15.20 27.88
N GLY A 291 -8.52 -15.11 27.54
CA GLY A 291 -7.65 -16.28 27.29
C GLY A 291 -7.57 -16.68 25.82
N PHE A 292 -8.28 -15.98 24.92
CA PHE A 292 -8.32 -16.29 23.47
C PHE A 292 -7.02 -15.80 22.81
N TYR A 293 -6.55 -14.61 23.16
CA TYR A 293 -5.42 -13.97 22.43
C TYR A 293 -4.26 -13.77 23.39
N LEU A 294 -3.41 -14.77 23.55
CA LEU A 294 -2.31 -14.79 24.56
C LEU A 294 -0.94 -14.72 23.90
N TYR A 295 -0.77 -15.36 22.74
CA TYR A 295 0.57 -15.61 22.15
C TYR A 295 0.61 -15.07 20.73
N PRO A 296 0.95 -13.78 20.51
CA PRO A 296 1.02 -13.26 19.14
C PRO A 296 2.05 -14.04 18.33
N ASP A 297 1.62 -14.63 17.23
CA ASP A 297 2.45 -15.45 16.31
C ASP A 297 3.12 -16.58 17.12
N GLY A 298 2.43 -17.12 18.12
CA GLY A 298 2.84 -18.31 18.89
C GLY A 298 3.87 -18.01 19.97
N ARG A 299 4.10 -16.75 20.34
CA ARG A 299 5.07 -16.34 21.40
C ARG A 299 4.49 -15.21 22.26
N SER A 300 4.81 -15.17 23.57
CA SER A 300 4.39 -14.13 24.54
C SER A 300 4.97 -12.75 24.17
N TYR A 301 4.23 -11.66 24.45
CA TYR A 301 4.60 -10.25 24.12
C TYR A 301 4.40 -9.35 25.35
N ASN A 302 5.43 -8.60 25.75
CA ASN A 302 5.42 -7.71 26.96
C ASN A 302 5.94 -6.32 26.57
N LYS A 318 7.65 5.63 20.10
CA LYS A 318 8.31 4.48 20.80
C LYS A 318 8.89 3.49 19.78
N VAL A 319 9.08 3.90 18.52
CA VAL A 319 9.52 3.02 17.38
C VAL A 319 10.93 3.44 16.94
N THR A 320 11.83 2.49 16.76
CA THR A 320 13.21 2.74 16.27
C THR A 320 13.22 2.94 14.75
N GLN A 321 14.23 3.63 14.24
CA GLN A 321 14.47 3.77 12.77
C GLN A 321 14.57 2.36 12.15
N GLU A 322 15.22 1.40 12.81
CA GLU A 322 15.39 0.04 12.24
C GLU A 322 14.01 -0.59 12.03
N GLN A 323 13.12 -0.42 13.00
CA GLN A 323 11.76 -1.01 12.97
C GLN A 323 10.97 -0.39 11.80
N PHE A 324 11.10 0.93 11.58
CA PHE A 324 10.48 1.61 10.42
C PHE A 324 11.02 1.02 9.11
N GLU A 325 12.35 0.81 9.04
CA GLU A 325 13.03 0.34 7.81
C GLU A 325 12.56 -1.09 7.49
N LEU A 326 12.49 -1.96 8.49
CA LEU A 326 12.01 -3.36 8.30
C LEU A 326 10.56 -3.36 7.76
N TYR A 327 9.71 -2.53 8.31
CA TYR A 327 8.29 -2.40 7.89
C TYR A 327 8.23 -1.95 6.42
N CYS A 328 9.05 -0.97 6.05
CA CYS A 328 9.11 -0.40 4.68
C CYS A 328 9.41 -1.46 3.62
N GLU A 329 10.15 -2.51 3.97
CA GLU A 329 10.64 -3.51 2.99
C GLU A 329 9.48 -4.34 2.44
N MET A 330 8.39 -4.46 3.20
CA MET A 330 7.19 -5.25 2.79
C MET A 330 6.57 -4.60 1.55
N GLY A 331 6.69 -3.28 1.44
CA GLY A 331 6.08 -2.47 0.39
C GLY A 331 7.02 -2.20 -0.78
N SER A 332 6.78 -1.11 -1.48
N SER A 332 6.72 -1.17 -1.57
CA SER A 332 7.43 -0.77 -2.77
CA SER A 332 7.48 -0.80 -2.79
C SER A 332 7.87 0.69 -2.73
C SER A 332 7.85 0.68 -2.71
N THR A 333 8.74 1.01 -1.79
CA THR A 333 9.18 2.40 -1.55
C THR A 333 10.72 2.48 -1.53
N PHE A 334 11.38 1.54 -2.18
CA PHE A 334 12.86 1.40 -2.10
C PHE A 334 13.54 2.54 -2.87
N GLN A 335 12.80 3.27 -3.69
CA GLN A 335 13.36 4.40 -4.47
C GLN A 335 13.62 5.63 -3.59
N LEU A 336 12.96 5.74 -2.43
CA LEU A 336 13.06 6.95 -1.58
C LEU A 336 14.31 6.89 -0.72
N CYS A 337 15.00 8.02 -0.63
CA CYS A 337 16.04 8.31 0.38
C CYS A 337 15.48 8.06 1.78
N LYS A 338 16.16 7.24 2.59
CA LYS A 338 15.72 6.87 3.97
C LYS A 338 15.86 8.07 4.90
N ILE A 339 16.74 9.02 4.58
CA ILE A 339 17.02 10.19 5.47
C ILE A 339 15.78 11.09 5.52
N CYS A 340 15.32 11.55 4.36
CA CYS A 340 14.26 12.57 4.21
C CYS A 340 12.90 11.94 3.85
N ALA A 341 12.89 10.82 3.12
CA ALA A 341 11.68 10.14 2.58
C ALA A 341 10.92 11.07 1.63
N GLU A 342 11.60 12.04 1.03
CA GLU A 342 10.98 12.97 0.03
C GLU A 342 11.57 12.67 -1.35
N ASN A 343 12.88 12.88 -1.49
CA ASN A 343 13.64 12.76 -2.76
C ASN A 343 13.95 11.29 -3.03
N ASP A 344 14.05 10.91 -4.30
CA ASP A 344 14.54 9.58 -4.73
C ASP A 344 16.03 9.46 -4.39
N LYS A 345 16.50 8.24 -4.11
CA LYS A 345 17.94 7.89 -4.07
C LYS A 345 18.55 8.20 -5.44
N ASP A 346 19.60 9.00 -5.50
CA ASP A 346 20.26 9.36 -6.78
C ASP A 346 21.78 9.29 -6.64
N VAL A 347 22.31 8.90 -5.48
CA VAL A 347 23.79 8.79 -5.31
C VAL A 347 24.17 7.57 -4.45
N LYS A 348 25.21 6.88 -4.87
CA LYS A 348 25.84 5.78 -4.15
C LYS A 348 27.15 6.27 -3.57
N ILE A 349 27.30 6.16 -2.25
CA ILE A 349 28.55 6.46 -1.51
C ILE A 349 29.50 5.27 -1.72
N GLU A 350 30.77 5.56 -2.00
CA GLU A 350 31.78 4.50 -2.22
C GLU A 350 32.93 4.73 -1.23
N PRO A 351 33.53 3.63 -0.70
CA PRO A 351 33.21 2.27 -1.15
C PRO A 351 32.04 1.52 -0.47
N CYS A 352 31.50 2.03 0.64
CA CYS A 352 30.52 1.32 1.51
C CYS A 352 29.26 0.93 0.72
N GLY A 353 28.90 1.71 -0.31
CA GLY A 353 27.76 1.44 -1.22
C GLY A 353 26.40 1.85 -0.66
N HIS A 354 26.36 2.71 0.37
CA HIS A 354 25.07 3.24 0.90
C HIS A 354 24.44 4.18 -0.13
N LEU A 355 23.10 4.19 -0.19
CA LEU A 355 22.33 4.99 -1.18
C LEU A 355 21.57 6.10 -0.46
N MET A 356 21.43 7.26 -1.11
CA MET A 356 20.68 8.40 -0.54
C MET A 356 20.45 9.44 -1.64
N CYS A 357 19.73 10.52 -1.32
CA CYS A 357 19.58 11.65 -2.25
C CYS A 357 20.76 12.61 -2.05
N THR A 358 21.10 13.31 -3.12
CA THR A 358 22.17 14.34 -3.19
C THR A 358 21.97 15.38 -2.09
N SER A 359 20.75 15.90 -1.92
N SER A 359 20.75 15.87 -1.90
CA SER A 359 20.39 16.94 -0.91
CA SER A 359 20.39 16.93 -0.92
C SER A 359 20.87 16.50 0.48
C SER A 359 20.81 16.53 0.50
N CYS A 360 20.47 15.31 0.94
CA CYS A 360 20.87 14.79 2.28
C CYS A 360 22.39 14.59 2.34
N LEU A 361 23.02 14.12 1.26
CA LEU A 361 24.49 13.92 1.23
C LEU A 361 25.15 15.27 1.53
N THR A 362 24.79 16.27 0.74
CA THR A 362 25.25 17.68 0.85
C THR A 362 25.11 18.20 2.28
N ALA A 363 23.92 18.07 2.89
CA ALA A 363 23.59 18.62 4.23
C ALA A 363 24.51 17.98 5.29
N TRP A 364 24.81 16.69 5.14
CA TRP A 364 25.65 15.95 6.11
C TRP A 364 27.12 16.42 5.97
N GLN A 365 27.60 16.61 4.74
CA GLN A 365 29.02 16.98 4.49
C GLN A 365 29.18 18.49 4.71
N GLU A 366 28.10 19.27 4.47
CA GLU A 366 27.93 20.70 4.88
C GLU A 366 28.23 20.89 6.37
N SER A 367 27.59 20.08 7.24
CA SER A 367 27.60 20.23 8.72
C SER A 367 28.71 19.36 9.32
N ASP A 368 29.71 18.98 8.52
CA ASP A 368 31.01 18.41 8.98
C ASP A 368 30.86 16.96 9.44
N GLY A 369 29.84 16.24 8.96
CA GLY A 369 29.67 14.81 9.27
C GLY A 369 30.87 13.99 8.80
N GLN A 370 31.41 13.13 9.67
CA GLN A 370 32.47 12.16 9.32
C GLN A 370 31.88 11.18 8.29
N GLY A 371 32.48 11.13 7.09
CA GLY A 371 32.26 10.04 6.12
C GLY A 371 30.79 9.84 5.82
N CYS A 372 30.40 8.60 5.57
CA CYS A 372 29.02 8.22 5.15
C CYS A 372 28.06 8.47 6.30
N PRO A 373 26.93 9.16 6.04
CA PRO A 373 25.91 9.39 7.07
C PRO A 373 25.44 8.14 7.82
N PHE A 374 25.43 6.98 7.15
CA PHE A 374 24.91 5.69 7.68
C PHE A 374 25.98 4.93 8.47
N CYS A 375 27.22 4.87 7.97
CA CYS A 375 28.28 3.97 8.50
C CYS A 375 29.53 4.78 8.90
N ARG A 376 29.54 6.08 8.63
CA ARG A 376 30.56 7.05 9.11
C ARG A 376 31.91 6.79 8.42
N CYS A 377 31.98 5.82 7.50
CA CYS A 377 33.23 5.38 6.83
C CYS A 377 33.64 6.41 5.78
N GLU A 378 34.93 6.40 5.40
CA GLU A 378 35.58 7.35 4.47
C GLU A 378 34.80 7.35 3.16
N ILE A 379 34.46 8.53 2.63
CA ILE A 379 33.88 8.66 1.27
C ILE A 379 35.01 8.91 0.27
N LYS A 380 35.30 7.92 -0.59
CA LYS A 380 36.40 8.00 -1.58
C LYS A 380 35.81 8.36 -2.94
N GLY A 381 34.51 8.13 -3.14
CA GLY A 381 33.83 8.32 -4.42
C GLY A 381 32.33 8.39 -4.23
N THR A 382 31.64 8.99 -5.18
CA THR A 382 30.19 8.84 -5.34
C THR A 382 29.89 8.51 -6.79
N GLU A 383 28.77 7.86 -7.04
CA GLU A 383 28.33 7.47 -8.40
C GLU A 383 26.82 7.71 -8.48
N PRO A 384 26.33 8.26 -9.61
CA PRO A 384 24.90 8.49 -9.78
C PRO A 384 24.18 7.12 -9.93
N ILE A 385 22.94 7.03 -9.47
CA ILE A 385 22.18 5.75 -9.49
C ILE A 385 20.71 6.09 -9.67
N ILE A 386 19.98 5.21 -10.33
CA ILE A 386 18.50 5.18 -10.40
C ILE A 386 18.06 3.90 -9.71
N VAL A 387 17.22 4.02 -8.69
CA VAL A 387 16.73 2.88 -7.85
C VAL A 387 15.24 2.68 -8.16
N ASP A 388 14.86 1.46 -8.45
CA ASP A 388 13.45 1.11 -8.75
C ASP A 388 12.68 1.00 -7.44
N PRO A 389 11.39 1.44 -7.37
CA PRO A 389 10.57 1.26 -6.17
C PRO A 389 10.50 -0.19 -5.69
N PHE A 390 10.66 -1.15 -6.62
CA PHE A 390 10.48 -2.60 -6.39
C PHE A 390 11.82 -3.28 -6.17
N ASP A 391 12.93 -2.52 -6.22
CA ASP A 391 14.30 -3.07 -6.01
C ASP A 391 14.44 -3.43 -4.53
ZN ZN B . 17.30 12.45 1.32
ZN ZN C . 28.05 3.93 4.25
O1 Z3N D . 0.74 -7.41 2.88
C2 Z3N D . 1.57 -7.66 2.05
N3 Z3N D . 2.33 -6.73 1.32
C4 Z3N D . 2.27 -5.31 1.46
C5 Z3N D . 2.51 -4.46 0.38
C6 Z3N D . 2.41 -3.08 0.56
C7 Z3N D . 2.07 -2.56 1.79
C8 Z3N D . 1.83 -3.40 2.88
C9 Z3N D . 1.42 -2.87 4.27
C10 Z3N D . 2.51 -3.26 5.25
N11 Z3N D . 2.33 -4.08 6.25
N12 Z3N D . 3.55 -4.19 6.90
C13 Z3N D . 4.40 -3.44 6.25
N14 Z3N D . 3.79 -2.83 5.21
C15 Z3N D . 4.42 -1.93 4.27
C16 Z3N D . -0.04 -3.36 4.65
C17 Z3N D . -0.56 -1.99 4.13
C18 Z3N D . -1.69 -1.32 4.90
C19 Z3N D . 0.88 -1.44 4.37
C20 Z3N D . 1.94 -4.77 2.70
C21 Z3N D . 3.25 -7.36 0.37
C22 Z3N D . 2.96 -8.82 0.58
C23 Z3N D . 3.49 -9.93 -0.08
C24 Z3N D . 4.46 -9.79 -1.21
F25 Z3N D . 5.49 -9.10 -0.86
F26 Z3N D . 4.86 -10.94 -1.63
F27 Z3N D . 3.97 -9.13 -2.22
C28 Z3N D . 3.05 -11.21 0.31
C29 Z3N D . 2.07 -11.39 1.30
C30 Z3N D . 1.50 -12.75 1.59
N31 Z3N D . 0.33 -13.12 0.70
C32 Z3N D . -0.85 -12.19 0.85
C33 Z3N D . -2.06 -12.66 0.05
C34 Z3N D . -3.22 -11.68 0.19
C35 Z3N D . -1.67 -12.86 -1.42
C36 Z3N D . -0.47 -13.80 -1.56
C37 Z3N D . 0.71 -13.31 -0.74
C38 Z3N D . 1.56 -10.25 1.93
C39 Z3N D . 1.99 -8.99 1.55
C1 EDO E . -10.88 16.07 -6.84
O1 EDO E . -9.80 16.16 -6.02
C2 EDO E . -10.47 15.52 -8.16
O2 EDO E . -11.42 14.67 -8.72
S SO4 F . -10.12 -13.44 2.94
O1 SO4 F . -10.56 -13.77 4.29
O2 SO4 F . -11.26 -13.19 2.11
O3 SO4 F . -9.31 -12.25 2.97
O4 SO4 F . -9.34 -14.56 2.42
UNK UNX G . -9.82 -0.94 14.59
#